data_1W0W
#
_entry.id   1W0W
#
_cell.length_a   51.175
_cell.length_b   82.670
_cell.length_c   110.177
_cell.angle_alpha   90.00
_cell.angle_beta   90.00
_cell.angle_gamma   90.00
#
_symmetry.space_group_name_H-M   'P 21 21 21'
#
loop_
_entity.id
_entity.type
_entity.pdbx_description
1 polymer 'HLA CLASS I HISTOCOMPATIBILITY ANTIGEN'
2 polymer BETA-2-MICROGLOBULIN
3 polymer 'BUTYRATE RESPONSE FACTOR 2'
4 non-polymer GLYCEROL
5 water water
#
loop_
_entity_poly.entity_id
_entity_poly.type
_entity_poly.pdbx_seq_one_letter_code
_entity_poly.pdbx_strand_id
1 'polypeptide(L)'
;GSHSMRYFHTSVSRPGRGEPRFITVGYVDDTLFVRFDSDAASPREEPRAPWIEQEGPEYWDRETQICKAKAQTDREDLRT
LLRYYNQSEAGSHTLQNMYGCDVGPDGRLLRGYHQHAYDGKDYIALNEDLSSWTAADTAAQITQRKWEAARVAEQLRAYL
EGECVEWLRRYLENGKETLQRADPPKTHVTHHPISDHEATLRCWALGFYPAEITLTWQRDGEDQTQDTELVETRPAGDRT
FQKWAAVVVPSGEEQRYTCHVQHEGLPKPLTLRWEP
;
A
2 'polypeptide(L)'
;MIQRTPKIQVYSRHPAENGKSNFLNCYVSGFHPSDIEVDLLKNGERIEKVEHSDLSFSKDWSFYLLYYTEFTPTEKDEYA
CRVNHVTLSQPKIVKWDRDM
;
B
3 'polypeptide(L)' RRLPIFSRL C
#
loop_
_chem_comp.id
_chem_comp.type
_chem_comp.name
_chem_comp.formula
GOL non-polymer GLYCEROL 'C3 H8 O3'
#
# COMPACT_ATOMS: atom_id res chain seq x y z
N GLY A 1 -11.81 18.20 0.06
CA GLY A 1 -10.94 18.07 1.27
C GLY A 1 -9.50 18.26 0.85
N SER A 2 -8.60 17.53 1.50
CA SER A 2 -7.20 17.44 1.06
C SER A 2 -6.95 16.11 0.31
N HIS A 3 -6.05 16.19 -0.66
CA HIS A 3 -5.83 15.11 -1.60
C HIS A 3 -4.36 14.98 -1.95
N SER A 4 -4.01 13.80 -2.49
CA SER A 4 -2.64 13.51 -2.94
C SER A 4 -2.63 12.78 -4.28
N MET A 5 -1.53 12.94 -5.01
CA MET A 5 -1.18 12.12 -6.16
C MET A 5 0.22 11.59 -5.91
N ARG A 6 0.41 10.29 -6.12
CA ARG A 6 1.69 9.62 -5.90
C ARG A 6 1.97 8.63 -7.02
N TYR A 7 3.19 8.65 -7.54
CA TYR A 7 3.72 7.60 -8.40
C TYR A 7 4.81 6.82 -7.68
N PHE A 8 4.65 5.49 -7.66
CA PHE A 8 5.56 4.53 -7.05
C PHE A 8 6.24 3.70 -8.12
N HIS A 9 7.54 3.46 -7.98
CA HIS A 9 8.34 2.67 -8.93
C HIS A 9 9.28 1.73 -8.18
N THR A 10 9.36 0.48 -8.64
CA THR A 10 10.26 -0.51 -8.10
C THR A 10 10.93 -1.25 -9.25
N SER A 11 12.27 -1.24 -9.27
CA SER A 11 13.05 -2.12 -10.15
C SER A 11 13.83 -3.11 -9.28
N VAL A 12 13.80 -4.38 -9.70
CA VAL A 12 14.44 -5.46 -8.99
C VAL A 12 15.31 -6.21 -9.98
N SER A 13 16.62 -6.19 -9.76
CA SER A 13 17.56 -6.92 -10.61
C SER A 13 17.52 -8.42 -10.29
N ARG A 14 17.84 -9.22 -11.30
CA ARG A 14 17.72 -10.68 -11.22
C ARG A 14 18.78 -11.27 -12.15
N PRO A 15 20.06 -11.15 -11.77
CA PRO A 15 21.15 -11.59 -12.66
C PRO A 15 20.98 -13.06 -13.01
N GLY A 16 21.21 -13.39 -14.27
CA GLY A 16 20.99 -14.73 -14.78
C GLY A 16 19.58 -14.96 -15.31
N ARG A 17 18.68 -13.99 -15.12
CA ARG A 17 17.26 -14.14 -15.46
C ARG A 17 16.71 -12.88 -16.14
N GLY A 18 17.53 -12.31 -17.02
CA GLY A 18 17.14 -11.19 -17.84
C GLY A 18 17.41 -9.88 -17.15
N GLU A 19 16.83 -8.83 -17.70
CA GLU A 19 16.97 -7.49 -17.18
C GLU A 19 16.07 -7.27 -15.95
N PRO A 20 16.37 -6.24 -15.15
CA PRO A 20 15.54 -5.94 -13.97
C PRO A 20 14.07 -5.68 -14.26
N ARG A 21 13.18 -6.29 -13.47
CA ARG A 21 11.74 -6.05 -13.62
C ARG A 21 11.36 -4.70 -13.05
N PHE A 22 10.57 -3.96 -13.83
CA PHE A 22 10.14 -2.60 -13.49
C PHE A 22 8.62 -2.53 -13.34
N ILE A 23 8.15 -2.17 -12.15
CA ILE A 23 6.73 -2.04 -11.88
C ILE A 23 6.46 -0.67 -11.30
N THR A 24 5.55 0.06 -11.92
CA THR A 24 5.11 1.33 -11.39
C THR A 24 3.58 1.46 -11.32
N VAL A 25 3.10 2.09 -10.26
CA VAL A 25 1.67 2.37 -10.08
C VAL A 25 1.43 3.82 -9.67
N GLY A 26 0.33 4.40 -10.15
CA GLY A 26 -0.08 5.74 -9.78
C GLY A 26 -1.32 5.72 -8.91
N TYR A 27 -1.38 6.63 -7.94
CA TYR A 27 -2.50 6.72 -7.00
C TYR A 27 -2.99 8.16 -6.89
N VAL A 28 -4.31 8.34 -6.76
CA VAL A 28 -4.89 9.54 -6.19
C VAL A 28 -5.56 9.12 -4.87
N ASP A 29 -5.11 9.71 -3.77
CA ASP A 29 -5.52 9.30 -2.43
C ASP A 29 -5.28 7.81 -2.36
N ASP A 30 -6.29 7.00 -2.00
CA ASP A 30 -6.13 5.55 -1.89
C ASP A 30 -6.71 4.76 -3.07
N THR A 31 -6.84 5.42 -4.21
CA THR A 31 -7.39 4.81 -5.42
C THR A 31 -6.29 4.67 -6.45
N LEU A 32 -5.96 3.44 -6.82
CA LEU A 32 -5.03 3.19 -7.93
C LEU A 32 -5.68 3.62 -9.23
N PHE A 33 -4.96 4.36 -10.08
CA PHE A 33 -5.54 4.76 -11.36
C PHE A 33 -4.75 4.33 -12.61
N VAL A 34 -3.46 4.08 -12.46
CA VAL A 34 -2.62 3.57 -13.56
C VAL A 34 -1.57 2.53 -13.11
N ARG A 35 -1.17 1.67 -14.04
CA ARG A 35 -0.07 0.75 -13.82
C ARG A 35 0.70 0.42 -15.10
N PHE A 36 1.91 -0.09 -14.88
CA PHE A 36 2.83 -0.48 -15.93
C PHE A 36 3.78 -1.51 -15.35
N ASP A 37 3.94 -2.61 -16.09
CA ASP A 37 4.77 -3.72 -15.67
C ASP A 37 5.59 -4.16 -16.88
N SER A 38 6.90 -4.22 -16.70
CA SER A 38 7.79 -4.49 -17.81
C SER A 38 7.75 -5.97 -18.23
N ASP A 39 7.23 -6.83 -17.35
CA ASP A 39 7.03 -8.25 -17.65
C ASP A 39 5.68 -8.57 -18.28
N ALA A 40 4.88 -7.55 -18.57
CA ALA A 40 3.65 -7.76 -19.32
C ALA A 40 3.99 -8.11 -20.77
N ALA A 41 3.15 -8.91 -21.40
CA ALA A 41 3.39 -9.33 -22.78
C ALA A 41 3.61 -8.11 -23.69
N SER A 42 2.74 -7.11 -23.55
CA SER A 42 2.83 -5.86 -24.29
C SER A 42 2.79 -4.64 -23.33
N PRO A 43 3.92 -4.32 -22.72
CA PRO A 43 3.94 -3.30 -21.66
C PRO A 43 3.46 -1.90 -22.09
N ARG A 44 2.50 -1.39 -21.31
CA ARG A 44 1.94 -0.07 -21.54
C ARG A 44 1.30 0.43 -20.25
N GLU A 45 1.24 1.75 -20.08
CA GLU A 45 0.47 2.35 -19.02
C GLU A 45 -0.98 1.93 -19.22
N GLU A 46 -1.60 1.35 -18.19
CA GLU A 46 -2.94 0.78 -18.31
C GLU A 46 -3.88 1.46 -17.30
N PRO A 47 -5.13 1.74 -17.69
CA PRO A 47 -6.11 2.31 -16.75
C PRO A 47 -6.53 1.35 -15.63
N ARG A 48 -6.81 1.89 -14.45
CA ARG A 48 -7.29 1.09 -13.32
C ARG A 48 -8.45 1.72 -12.53
N ALA A 49 -8.94 2.86 -13.02
CA ALA A 49 -10.13 3.52 -12.49
C ALA A 49 -10.98 4.07 -13.65
N PRO A 50 -12.30 4.21 -13.44
CA PRO A 50 -13.19 4.64 -14.53
C PRO A 50 -12.94 6.05 -15.05
N TRP A 51 -12.53 6.95 -14.19
CA TRP A 51 -12.39 8.37 -14.56
C TRP A 51 -11.12 8.69 -15.37
N ILE A 52 -10.15 7.78 -15.38
CA ILE A 52 -8.95 8.00 -16.21
C ILE A 52 -9.10 7.44 -17.62
N GLU A 53 -10.14 6.61 -17.85
CA GLU A 53 -10.35 5.97 -19.15
C GLU A 53 -10.67 6.95 -20.28
N GLN A 54 -11.29 8.08 -19.92
CA GLN A 54 -11.69 9.12 -20.87
C GLN A 54 -10.54 9.90 -21.47
N GLU A 55 -9.36 9.80 -20.87
CA GLU A 55 -8.18 10.39 -21.45
C GLU A 55 -7.95 9.73 -22.81
N GLY A 56 -7.49 10.53 -23.77
CA GLY A 56 -7.34 10.09 -25.15
C GLY A 56 -6.04 9.34 -25.43
N PRO A 57 -5.87 8.92 -26.68
CA PRO A 57 -4.66 8.21 -27.14
C PRO A 57 -3.35 8.93 -26.84
N GLU A 58 -3.33 10.24 -27.01
CA GLU A 58 -2.13 11.04 -26.75
C GLU A 58 -1.66 10.90 -25.31
N TYR A 59 -2.63 10.86 -24.38
CA TYR A 59 -2.34 10.65 -22.97
C TYR A 59 -1.62 9.33 -22.77
N TRP A 60 -2.22 8.25 -23.26
CA TRP A 60 -1.69 6.90 -23.02
C TRP A 60 -0.34 6.67 -23.69
N ASP A 61 -0.14 7.30 -24.85
CA ASP A 61 1.14 7.28 -25.55
C ASP A 61 2.23 7.97 -24.74
N ARG A 62 1.94 9.18 -24.25
CA ARG A 62 2.92 9.93 -23.46
C ARG A 62 3.32 9.19 -22.17
N GLU A 63 2.34 8.72 -21.41
CA GLU A 63 2.62 8.07 -20.15
C GLU A 63 3.40 6.77 -20.36
N THR A 64 3.03 6.02 -21.39
CA THR A 64 3.72 4.77 -21.76
C THR A 64 5.17 5.02 -22.12
N GLN A 65 5.40 6.08 -22.89
CA GLN A 65 6.76 6.45 -23.30
C GLN A 65 7.61 6.75 -22.07
N ILE A 66 7.02 7.45 -21.11
CA ILE A 66 7.76 7.84 -19.90
C ILE A 66 8.13 6.61 -19.10
N CYS A 67 7.17 5.72 -18.94
CA CYS A 67 7.37 4.45 -18.22
C CYS A 67 8.48 3.62 -18.85
N LYS A 68 8.43 3.49 -20.17
CA LYS A 68 9.42 2.70 -20.91
C LYS A 68 10.82 3.29 -20.71
N ALA A 69 10.94 4.61 -20.76
CA ALA A 69 12.24 5.27 -20.55
C ALA A 69 12.72 5.17 -19.09
N LYS A 70 11.81 5.34 -18.15
CA LYS A 70 12.14 5.21 -16.73
C LYS A 70 12.65 3.78 -16.42
N ALA A 71 12.06 2.77 -17.05
CA ALA A 71 12.55 1.41 -16.90
C ALA A 71 14.02 1.31 -17.30
N GLN A 72 14.40 1.90 -18.45
CA GLN A 72 15.78 1.83 -18.90
C GLN A 72 16.71 2.61 -17.97
N THR A 73 16.28 3.78 -17.53
CA THR A 73 17.08 4.61 -16.63
C THR A 73 17.33 3.94 -15.27
N ASP A 74 16.32 3.27 -14.72
CA ASP A 74 16.46 2.55 -13.46
C ASP A 74 17.52 1.48 -13.58
N ARG A 75 17.61 0.86 -14.74
CA ARG A 75 18.58 -0.20 -14.99
C ARG A 75 20.02 0.30 -15.02
N GLU A 76 20.23 1.47 -15.62
CA GLU A 76 21.50 2.19 -15.55
C GLU A 76 21.83 2.57 -14.09
N ASP A 77 20.86 3.11 -13.38
CA ASP A 77 21.05 3.48 -11.97
C ASP A 77 21.45 2.26 -11.12
N LEU A 78 20.84 1.11 -11.37
CA LEU A 78 21.17 -0.10 -10.60
C LEU A 78 22.63 -0.47 -10.80
N ARG A 79 23.13 -0.35 -12.03
CA ARG A 79 24.55 -0.58 -12.34
C ARG A 79 25.46 0.44 -11.65
N THR A 80 25.07 1.71 -11.69
CA THR A 80 25.76 2.74 -10.96
C THR A 80 25.88 2.40 -9.47
N LEU A 81 24.79 1.93 -8.87
CA LEU A 81 24.76 1.65 -7.44
C LEU A 81 25.66 0.46 -7.04
N LEU A 82 25.82 -0.52 -7.92
CA LEU A 82 26.82 -1.56 -7.69
C LEU A 82 28.21 -0.95 -7.52
N ARG A 83 28.57 0.04 -8.33
CA ARG A 83 29.87 0.71 -8.20
C ARG A 83 29.98 1.54 -6.90
N TYR A 84 28.96 2.34 -6.61
CA TYR A 84 28.97 3.23 -5.44
C TYR A 84 29.16 2.46 -4.13
N TYR A 85 28.67 1.22 -4.10
CA TYR A 85 28.70 0.38 -2.90
C TYR A 85 29.67 -0.82 -3.00
N ASN A 86 30.53 -0.83 -4.02
CA ASN A 86 31.56 -1.87 -4.22
C ASN A 86 30.99 -3.28 -4.22
N GLN A 87 29.82 -3.44 -4.84
CA GLN A 87 29.09 -4.69 -4.79
C GLN A 87 29.31 -5.50 -6.09
N SER A 88 29.22 -6.82 -5.97
CA SER A 88 29.34 -7.70 -7.13
C SER A 88 28.07 -7.74 -7.95
N GLU A 89 28.21 -8.17 -9.19
CA GLU A 89 27.11 -8.25 -10.12
C GLU A 89 26.25 -9.51 -9.98
N ALA A 90 26.49 -10.33 -8.97
CA ALA A 90 25.80 -11.61 -8.84
C ALA A 90 24.48 -11.56 -8.06
N GLY A 91 24.29 -10.53 -7.25
CA GLY A 91 23.16 -10.48 -6.33
C GLY A 91 22.03 -9.61 -6.84
N SER A 92 20.84 -9.84 -6.29
CA SER A 92 19.63 -9.07 -6.58
C SER A 92 19.53 -7.85 -5.66
N HIS A 93 19.21 -6.72 -6.27
CA HIS A 93 19.10 -5.45 -5.58
C HIS A 93 17.81 -4.71 -6.01
N THR A 94 17.43 -3.71 -5.22
CA THR A 94 16.13 -3.03 -5.34
C THR A 94 16.31 -1.53 -5.37
N LEU A 95 15.69 -0.87 -6.34
CA LEU A 95 15.65 0.60 -6.40
C LEU A 95 14.20 1.07 -6.38
N GLN A 96 13.86 1.89 -5.40
CA GLN A 96 12.52 2.42 -5.26
C GLN A 96 12.56 3.92 -5.39
N ASN A 97 11.51 4.47 -5.97
CA ASN A 97 11.35 5.90 -6.17
C ASN A 97 9.88 6.21 -5.99
N MET A 98 9.59 7.18 -5.12
CA MET A 98 8.27 7.80 -5.02
C MET A 98 8.36 9.31 -5.27
N TYR A 99 7.38 9.87 -5.95
CA TYR A 99 7.19 11.33 -6.03
C TYR A 99 5.71 11.63 -6.11
N GLY A 100 5.34 12.88 -5.84
CA GLY A 100 3.98 13.35 -5.99
C GLY A 100 3.69 14.59 -5.17
N CYS A 101 2.41 14.96 -5.07
CA CYS A 101 2.00 16.19 -4.41
C CYS A 101 0.73 16.04 -3.57
N ASP A 102 0.66 16.89 -2.53
CA ASP A 102 -0.48 17.05 -1.67
C ASP A 102 -1.06 18.44 -1.94
N VAL A 103 -2.38 18.53 -2.01
CA VAL A 103 -3.09 19.79 -2.13
C VAL A 103 -4.15 19.92 -1.05
N GLY A 104 -4.56 21.14 -0.75
CA GLY A 104 -5.57 21.39 0.27
C GLY A 104 -6.90 21.58 -0.41
N PRO A 105 -7.93 21.92 0.36
CA PRO A 105 -9.29 22.15 -0.17
C PRO A 105 -9.40 23.11 -1.35
N ASP A 106 -8.74 24.26 -1.27
CA ASP A 106 -8.65 25.17 -2.42
C ASP A 106 -7.73 24.70 -3.56
N GLY A 107 -7.19 23.47 -3.44
CA GLY A 107 -6.38 22.88 -4.49
C GLY A 107 -4.97 23.44 -4.63
N ARG A 108 -4.50 24.20 -3.64
CA ARG A 108 -3.14 24.72 -3.67
C ARG A 108 -2.15 23.67 -3.16
N LEU A 109 -0.94 23.67 -3.69
CA LEU A 109 0.14 22.82 -3.18
C LEU A 109 0.35 22.98 -1.68
N LEU A 110 0.19 21.90 -0.93
CA LEU A 110 0.61 21.82 0.47
C LEU A 110 2.05 21.30 0.63
N ARG A 111 2.46 20.39 -0.23
CA ARG A 111 3.72 19.65 -0.07
C ARG A 111 4.04 18.81 -1.30
N GLY A 112 5.29 18.84 -1.78
CA GLY A 112 5.76 17.92 -2.81
C GLY A 112 6.72 16.89 -2.24
N TYR A 113 6.96 15.81 -2.99
CA TYR A 113 7.85 14.72 -2.60
C TYR A 113 8.59 14.16 -3.79
N HIS A 114 9.85 13.80 -3.60
CA HIS A 114 10.62 13.02 -4.56
C HIS A 114 11.78 12.36 -3.80
N GLN A 115 11.73 11.04 -3.66
CA GLN A 115 12.68 10.30 -2.83
C GLN A 115 12.97 8.91 -3.38
N HIS A 116 14.13 8.38 -2.99
CA HIS A 116 14.64 7.09 -3.48
C HIS A 116 15.08 6.23 -2.32
N ALA A 117 14.96 4.92 -2.49
CA ALA A 117 15.54 3.95 -1.59
C ALA A 117 16.30 2.89 -2.38
N TYR A 118 17.40 2.40 -1.80
CA TYR A 118 18.15 1.31 -2.40
C TYR A 118 18.25 0.19 -1.38
N ASP A 119 17.91 -1.01 -1.80
CA ASP A 119 17.86 -2.19 -0.93
C ASP A 119 17.12 -1.91 0.37
N GLY A 120 15.95 -1.29 0.24
CA GLY A 120 15.07 -1.02 1.35
C GLY A 120 15.51 0.09 2.29
N LYS A 121 16.59 0.82 1.95
CA LYS A 121 17.07 1.90 2.79
C LYS A 121 17.02 3.26 2.07
N ASP A 122 16.61 4.31 2.79
CA ASP A 122 16.65 5.68 2.25
C ASP A 122 17.99 6.00 1.63
N TYR A 123 17.97 6.59 0.44
CA TYR A 123 19.17 6.91 -0.31
C TYR A 123 19.28 8.44 -0.45
N ILE A 124 18.39 9.04 -1.22
CA ILE A 124 18.36 10.49 -1.36
C ILE A 124 16.92 10.99 -1.47
N ALA A 125 16.61 12.10 -0.80
CA ALA A 125 15.27 12.66 -0.79
C ALA A 125 15.34 14.17 -1.04
N LEU A 126 14.41 14.69 -1.85
CA LEU A 126 14.25 16.14 -2.03
C LEU A 126 13.64 16.70 -0.74
N ASN A 127 14.22 17.76 -0.19
CA ASN A 127 13.66 18.32 1.04
C ASN A 127 12.33 19.06 0.74
N GLU A 128 11.66 19.48 1.80
CA GLU A 128 10.31 20.03 1.69
C GLU A 128 10.35 21.38 0.97
N ASP A 129 11.52 22.01 0.99
CA ASP A 129 11.75 23.25 0.24
C ASP A 129 11.76 23.11 -1.27
N LEU A 130 11.76 21.86 -1.76
CA LEU A 130 11.90 21.55 -3.18
C LEU A 130 13.14 22.22 -3.84
N SER A 131 14.20 22.39 -3.06
CA SER A 131 15.43 23.05 -3.56
C SER A 131 16.75 22.47 -3.03
N SER A 132 16.69 21.72 -1.93
CA SER A 132 17.87 21.09 -1.33
C SER A 132 17.64 19.59 -1.08
N TRP A 133 18.73 18.87 -0.83
CA TRP A 133 18.73 17.41 -0.83
C TRP A 133 19.21 16.81 0.48
N THR A 134 18.64 15.69 0.86
CA THR A 134 19.14 14.93 2.01
C THR A 134 19.61 13.59 1.49
N ALA A 135 20.90 13.33 1.66
CA ALA A 135 21.56 12.12 1.19
C ALA A 135 21.90 11.28 2.43
N ALA A 136 21.62 9.98 2.38
CA ALA A 136 21.70 9.15 3.56
C ALA A 136 23.10 8.70 3.86
N ASP A 137 23.99 8.75 2.89
CA ASP A 137 25.34 8.21 3.05
C ASP A 137 26.27 8.79 1.99
N THR A 138 27.52 8.33 1.96
CA THR A 138 28.52 8.90 1.02
C THR A 138 28.26 8.56 -0.43
N ALA A 139 27.62 7.43 -0.69
CA ALA A 139 27.22 7.06 -2.05
C ALA A 139 26.22 8.07 -2.58
N ALA A 140 25.14 8.26 -1.81
CA ALA A 140 24.10 9.24 -2.12
C ALA A 140 24.62 10.67 -2.26
N GLN A 141 25.67 11.00 -1.53
CA GLN A 141 26.34 12.29 -1.71
C GLN A 141 26.95 12.48 -3.12
N ILE A 142 27.31 11.39 -3.79
CA ILE A 142 27.80 11.46 -5.16
C ILE A 142 26.64 11.81 -6.09
N THR A 143 25.49 11.15 -5.91
CA THR A 143 24.28 11.58 -6.60
C THR A 143 23.96 13.05 -6.33
N GLN A 144 24.01 13.45 -5.07
CA GLN A 144 23.63 14.81 -4.67
C GLN A 144 24.49 15.83 -5.39
N ARG A 145 25.79 15.57 -5.41
CA ARG A 145 26.73 16.42 -6.13
C ARG A 145 26.35 16.58 -7.60
N LYS A 146 26.05 15.48 -8.27
CA LYS A 146 25.67 15.52 -9.67
C LYS A 146 24.35 16.25 -9.90
N TRP A 147 23.41 16.10 -8.99
CA TRP A 147 22.09 16.71 -9.12
C TRP A 147 22.13 18.21 -8.83
N GLU A 148 23.00 18.62 -7.91
CA GLU A 148 23.23 20.03 -7.63
C GLU A 148 23.91 20.69 -8.83
N ALA A 149 24.90 20.01 -9.41
CA ALA A 149 25.60 20.51 -10.58
C ALA A 149 24.66 20.73 -11.74
N ALA A 150 23.65 19.87 -11.90
CA ALA A 150 22.73 19.95 -13.03
C ALA A 150 21.41 20.64 -12.71
N ARG A 151 21.28 21.22 -11.52
CA ARG A 151 20.06 21.93 -11.08
C ARG A 151 18.77 21.10 -11.22
N VAL A 152 18.86 19.83 -10.84
CA VAL A 152 17.76 18.88 -10.90
C VAL A 152 16.58 19.31 -10.01
N ALA A 153 16.87 19.77 -8.81
CA ALA A 153 15.81 20.18 -7.90
C ALA A 153 14.86 21.23 -8.50
N GLU A 154 15.40 22.18 -9.26
CA GLU A 154 14.60 23.25 -9.87
C GLU A 154 13.60 22.65 -10.84
N GLN A 155 14.05 21.66 -11.59
CA GLN A 155 13.18 21.00 -12.55
C GLN A 155 12.09 20.24 -11.81
N LEU A 156 12.43 19.58 -10.71
CA LEU A 156 11.43 18.78 -10.01
C LEU A 156 10.40 19.69 -9.40
N ARG A 157 10.86 20.82 -8.85
CA ARG A 157 9.98 21.80 -8.22
C ARG A 157 8.94 22.30 -9.20
N ALA A 158 9.39 22.57 -10.43
CA ALA A 158 8.52 23.08 -11.47
C ALA A 158 7.41 22.09 -11.80
N TYR A 159 7.75 20.80 -11.87
CA TYR A 159 6.74 19.77 -12.05
C TYR A 159 5.81 19.72 -10.83
N LEU A 160 6.39 19.72 -9.63
CA LEU A 160 5.61 19.47 -8.42
C LEU A 160 4.61 20.60 -8.10
N GLU A 161 5.00 21.84 -8.40
CA GLU A 161 4.13 23.00 -8.20
C GLU A 161 3.17 23.21 -9.36
N GLY A 162 3.53 22.72 -10.54
CA GLY A 162 2.74 22.93 -11.72
C GLY A 162 1.92 21.73 -12.13
N GLU A 163 2.51 20.86 -12.94
CA GLU A 163 1.75 19.77 -13.55
C GLU A 163 1.16 18.79 -12.53
N CYS A 164 1.90 18.49 -11.48
CA CYS A 164 1.42 17.55 -10.47
C CYS A 164 0.09 18.01 -9.86
N VAL A 165 0.02 19.30 -9.48
CA VAL A 165 -1.19 19.83 -8.87
C VAL A 165 -2.32 20.08 -9.89
N GLU A 166 -1.96 20.48 -11.10
CA GLU A 166 -2.96 20.81 -12.11
C GLU A 166 -3.66 19.53 -12.57
N TRP A 167 -2.90 18.46 -12.81
CA TRP A 167 -3.51 17.19 -13.22
C TRP A 167 -4.23 16.48 -12.08
N LEU A 168 -3.74 16.62 -10.85
CA LEU A 168 -4.45 16.07 -9.71
C LEU A 168 -5.85 16.72 -9.59
N ARG A 169 -5.92 18.04 -9.75
CA ARG A 169 -7.20 18.78 -9.72
C ARG A 169 -8.13 18.32 -10.84
N ARG A 170 -7.58 18.12 -12.03
CA ARG A 170 -8.31 17.54 -13.16
C ARG A 170 -8.93 16.18 -12.82
N TYR A 171 -8.10 15.28 -12.28
CA TYR A 171 -8.52 13.92 -11.95
C TYR A 171 -9.57 13.96 -10.85
N LEU A 172 -9.42 14.86 -9.88
CA LEU A 172 -10.40 15.00 -8.80
C LEU A 172 -11.78 15.43 -9.28
N GLU A 173 -11.81 16.25 -10.31
CA GLU A 173 -13.04 16.73 -10.92
C GLU A 173 -13.70 15.61 -11.73
N ASN A 174 -12.93 14.98 -12.61
CA ASN A 174 -13.40 13.87 -13.43
C ASN A 174 -13.84 12.64 -12.63
N GLY A 175 -13.18 12.37 -11.52
CA GLY A 175 -13.58 11.28 -10.65
C GLY A 175 -14.32 11.75 -9.42
N LYS A 176 -14.98 12.91 -9.46
CA LYS A 176 -15.65 13.48 -8.29
C LYS A 176 -16.68 12.54 -7.64
N GLU A 177 -17.31 11.68 -8.43
CA GLU A 177 -18.26 10.70 -7.90
C GLU A 177 -17.69 9.73 -6.85
N THR A 178 -16.42 9.35 -7.02
CA THR A 178 -15.74 8.40 -6.13
C THR A 178 -14.62 9.05 -5.31
N LEU A 179 -13.77 9.85 -5.95
CA LEU A 179 -12.65 10.47 -5.28
C LEU A 179 -13.02 11.46 -4.18
N GLN A 180 -14.14 12.17 -4.37
CA GLN A 180 -14.61 13.14 -3.38
C GLN A 180 -15.81 12.61 -2.60
N ARG A 181 -15.91 11.29 -2.47
CA ARG A 181 -16.93 10.64 -1.64
C ARG A 181 -16.25 9.79 -0.58
N ALA A 182 -16.52 10.13 0.68
CA ALA A 182 -16.03 9.37 1.79
C ALA A 182 -17.14 8.39 2.20
N ASP A 183 -16.83 7.10 2.18
CA ASP A 183 -17.72 6.05 2.66
C ASP A 183 -17.48 5.76 4.14
N PRO A 184 -18.45 5.98 5.02
CA PRO A 184 -18.22 5.78 6.45
C PRO A 184 -18.09 4.29 6.82
N PRO A 185 -17.38 3.96 7.89
CA PRO A 185 -17.29 2.58 8.35
C PRO A 185 -18.62 2.07 8.88
N LYS A 186 -18.94 0.83 8.52
CA LYS A 186 -19.97 0.04 9.18
C LYS A 186 -19.29 -0.61 10.39
N THR A 187 -19.79 -0.32 11.58
CA THR A 187 -19.10 -0.71 12.80
C THR A 187 -19.98 -1.59 13.68
N HIS A 188 -19.34 -2.54 14.36
CA HIS A 188 -20.00 -3.32 15.42
C HIS A 188 -18.96 -3.93 16.35
N VAL A 189 -19.42 -4.47 17.48
CA VAL A 189 -18.53 -5.14 18.44
C VAL A 189 -18.93 -6.59 18.61
N THR A 190 -17.94 -7.49 18.54
CA THR A 190 -18.14 -8.91 18.79
C THR A 190 -17.42 -9.35 20.06
N HIS A 191 -17.83 -10.49 20.59
CA HIS A 191 -17.43 -11.01 21.90
C HIS A 191 -17.02 -12.47 21.70
N HIS A 192 -15.81 -12.82 22.16
CA HIS A 192 -15.14 -14.07 21.81
C HIS A 192 -14.52 -14.69 23.07
N PRO A 193 -15.27 -15.53 23.77
CA PRO A 193 -14.76 -16.17 24.98
C PRO A 193 -13.40 -16.86 24.81
N ILE A 194 -12.50 -16.58 25.74
CA ILE A 194 -11.19 -17.23 25.82
C ILE A 194 -11.21 -18.30 26.91
N SER A 195 -11.70 -17.93 28.08
CA SER A 195 -11.76 -18.83 29.23
C SER A 195 -12.90 -18.41 30.16
N ASP A 196 -13.05 -19.11 31.29
CA ASP A 196 -13.99 -18.68 32.33
C ASP A 196 -13.71 -17.23 32.77
N HIS A 197 -12.47 -16.79 32.62
CA HIS A 197 -11.98 -15.57 33.28
C HIS A 197 -11.95 -14.34 32.39
N GLU A 198 -11.86 -14.55 31.08
CA GLU A 198 -11.81 -13.44 30.15
C GLU A 198 -12.37 -13.80 28.78
N ALA A 199 -12.67 -12.75 28.04
CA ALA A 199 -13.16 -12.84 26.68
C ALA A 199 -12.59 -11.68 25.90
N THR A 200 -12.59 -11.81 24.58
CA THR A 200 -12.09 -10.80 23.67
C THR A 200 -13.26 -9.96 23.15
N LEU A 201 -13.12 -8.64 23.18
CA LEU A 201 -14.06 -7.73 22.51
C LEU A 201 -13.34 -7.18 21.28
N ARG A 202 -13.95 -7.34 20.12
CA ARG A 202 -13.36 -6.92 18.86
C ARG A 202 -14.24 -5.86 18.24
N CYS A 203 -13.71 -4.66 18.07
CA CYS A 203 -14.45 -3.55 17.44
C CYS A 203 -14.09 -3.50 15.95
N TRP A 204 -15.12 -3.61 15.11
CA TRP A 204 -14.91 -3.73 13.68
C TRP A 204 -15.25 -2.43 12.98
N ALA A 205 -14.45 -2.09 11.98
CA ALA A 205 -14.81 -1.07 10.98
C ALA A 205 -14.70 -1.69 9.59
N LEU A 206 -15.78 -1.64 8.82
CA LEU A 206 -15.84 -2.31 7.52
C LEU A 206 -16.40 -1.34 6.48
N GLY A 207 -15.97 -1.54 5.23
CA GLY A 207 -16.53 -0.86 4.08
C GLY A 207 -16.24 0.62 3.95
N PHE A 208 -15.09 1.05 4.45
CA PHE A 208 -14.76 2.48 4.49
C PHE A 208 -13.70 2.95 3.47
N TYR A 209 -13.88 4.20 3.03
CA TYR A 209 -12.97 4.91 2.15
C TYR A 209 -13.05 6.39 2.53
N PRO A 210 -11.92 7.09 2.67
CA PRO A 210 -10.56 6.55 2.49
C PRO A 210 -10.05 5.70 3.65
N ALA A 211 -8.82 5.20 3.51
CA ALA A 211 -8.24 4.24 4.46
C ALA A 211 -7.95 4.83 5.84
N GLU A 212 -7.62 6.11 5.90
CA GLU A 212 -7.34 6.74 7.18
C GLU A 212 -8.53 6.59 8.13
N ILE A 213 -8.21 6.19 9.35
CA ILE A 213 -9.21 5.91 10.38
C ILE A 213 -8.51 5.82 11.75
N THR A 214 -9.28 6.07 12.80
CA THR A 214 -8.85 5.88 14.19
C THR A 214 -9.84 4.98 14.91
N LEU A 215 -9.37 3.80 15.33
CA LEU A 215 -10.10 2.87 16.18
C LEU A 215 -9.38 2.77 17.52
N THR A 216 -10.09 2.97 18.63
CA THR A 216 -9.47 2.79 19.94
C THR A 216 -10.46 2.25 20.97
N TRP A 217 -9.94 1.48 21.92
CA TRP A 217 -10.71 1.02 23.08
C TRP A 217 -10.34 1.85 24.32
N GLN A 218 -11.34 2.24 25.10
CA GLN A 218 -11.14 2.81 26.42
C GLN A 218 -11.69 1.88 27.51
N ARG A 219 -11.13 1.96 28.71
CA ARG A 219 -11.65 1.30 29.90
C ARG A 219 -11.80 2.37 30.98
N ASP A 220 -13.01 2.55 31.51
CA ASP A 220 -13.32 3.68 32.42
C ASP A 220 -12.81 5.01 31.85
N GLY A 221 -12.97 5.17 30.53
CA GLY A 221 -12.60 6.40 29.85
C GLY A 221 -11.11 6.61 29.68
N GLU A 222 -10.33 5.56 29.89
CA GLU A 222 -8.88 5.63 29.76
C GLU A 222 -8.41 4.81 28.57
N ASP A 223 -7.50 5.35 27.79
CA ASP A 223 -7.03 4.69 26.59
C ASP A 223 -6.25 3.42 26.94
N GLN A 224 -6.57 2.34 26.24
CA GLN A 224 -5.99 1.03 26.47
C GLN A 224 -4.93 0.71 25.41
N THR A 225 -4.10 1.70 25.09
CA THR A 225 -3.18 1.62 23.96
C THR A 225 -2.32 0.37 23.99
N GLN A 226 -1.59 0.18 25.10
CA GLN A 226 -0.68 -0.95 25.26
C GLN A 226 -1.38 -2.32 25.34
N ASP A 227 -2.65 -2.36 25.70
CA ASP A 227 -3.40 -3.61 25.73
C ASP A 227 -4.31 -3.87 24.52
N THR A 228 -4.29 -2.95 23.54
CA THR A 228 -5.09 -3.09 22.32
C THR A 228 -4.27 -3.77 21.24
N GLU A 229 -4.81 -4.85 20.65
CA GLU A 229 -4.30 -5.40 19.41
C GLU A 229 -4.99 -4.69 18.25
N LEU A 230 -4.20 -3.97 17.48
CA LEU A 230 -4.69 -3.18 16.38
C LEU A 230 -4.09 -3.69 15.08
N VAL A 231 -4.90 -4.35 14.25
CA VAL A 231 -4.40 -4.85 12.97
C VAL A 231 -4.22 -3.73 11.95
N GLU A 232 -3.30 -3.95 11.01
CA GLU A 232 -3.10 -3.05 9.90
C GLU A 232 -4.38 -2.93 9.05
N THR A 233 -4.71 -1.70 8.67
CA THR A 233 -5.81 -1.44 7.78
C THR A 233 -5.58 -2.27 6.51
N ARG A 234 -6.62 -2.90 6.02
CA ARG A 234 -6.47 -3.87 4.93
C ARG A 234 -7.49 -3.62 3.84
N PRO A 235 -7.12 -3.82 2.57
CA PRO A 235 -8.07 -3.61 1.47
C PRO A 235 -9.10 -4.74 1.37
N ALA A 236 -10.36 -4.39 1.19
CA ALA A 236 -11.41 -5.40 0.99
C ALA A 236 -11.45 -5.96 -0.43
N GLY A 237 -10.92 -5.20 -1.39
CA GLY A 237 -10.95 -5.56 -2.80
C GLY A 237 -12.06 -4.91 -3.61
N ASP A 238 -12.89 -4.10 -2.97
CA ASP A 238 -13.97 -3.38 -3.66
C ASP A 238 -13.78 -1.85 -3.57
N ARG A 239 -12.51 -1.44 -3.42
CA ARG A 239 -12.07 -0.05 -3.12
C ARG A 239 -12.07 0.33 -1.65
N THR A 240 -12.89 -0.34 -0.83
CA THR A 240 -12.96 -0.02 0.59
C THR A 240 -11.93 -0.76 1.43
N PHE A 241 -11.88 -0.43 2.72
CA PHE A 241 -10.90 -0.95 3.65
C PHE A 241 -11.60 -1.46 4.90
N GLN A 242 -10.83 -2.20 5.70
CA GLN A 242 -11.29 -2.84 6.92
C GLN A 242 -10.22 -2.68 8.01
N LYS A 243 -10.64 -2.62 9.26
CA LYS A 243 -9.71 -2.61 10.39
C LYS A 243 -10.48 -3.12 11.62
N TRP A 244 -9.77 -3.73 12.56
CA TRP A 244 -10.35 -4.00 13.87
C TRP A 244 -9.33 -3.77 14.98
N ALA A 245 -9.86 -3.57 16.18
CA ALA A 245 -9.10 -3.39 17.41
C ALA A 245 -9.71 -4.32 18.47
N ALA A 246 -8.87 -5.03 19.20
CA ALA A 246 -9.36 -6.00 20.16
C ALA A 246 -8.69 -5.81 21.52
N VAL A 247 -9.46 -6.00 22.58
CA VAL A 247 -8.96 -6.00 23.95
C VAL A 247 -9.39 -7.26 24.68
N VAL A 248 -8.54 -7.75 25.55
CA VAL A 248 -8.87 -8.83 26.45
C VAL A 248 -9.50 -8.25 27.71
N VAL A 249 -10.68 -8.75 28.04
CA VAL A 249 -11.54 -8.17 29.08
C VAL A 249 -11.96 -9.21 30.12
N PRO A 250 -11.74 -8.95 31.40
CA PRO A 250 -12.25 -9.81 32.48
C PRO A 250 -13.77 -10.08 32.42
N SER A 251 -14.24 -11.30 32.70
CA SER A 251 -15.68 -11.60 32.67
C SER A 251 -16.42 -10.61 33.55
N GLY A 252 -17.58 -10.15 33.09
CA GLY A 252 -18.39 -9.19 33.82
C GLY A 252 -17.97 -7.73 33.76
N GLU A 253 -16.84 -7.45 33.14
CA GLU A 253 -16.29 -6.11 33.08
C GLU A 253 -16.64 -5.37 31.73
N GLU A 254 -17.31 -6.07 30.81
CA GLU A 254 -17.48 -5.61 29.43
C GLU A 254 -18.04 -4.18 29.25
N GLN A 255 -18.93 -3.75 30.15
CA GLN A 255 -19.60 -2.47 29.99
C GLN A 255 -18.72 -1.30 30.42
N ARG A 256 -17.56 -1.61 30.97
CA ARG A 256 -16.54 -0.61 31.29
C ARG A 256 -15.75 -0.21 30.07
N TYR A 257 -15.90 -0.97 28.99
CA TYR A 257 -15.14 -0.80 27.76
C TYR A 257 -15.96 -0.11 26.68
N THR A 258 -15.38 0.90 26.04
CA THR A 258 -16.00 1.56 24.89
C THR A 258 -15.05 1.66 23.71
N CYS A 259 -15.56 1.40 22.52
CA CYS A 259 -14.81 1.56 21.30
C CYS A 259 -15.15 2.89 20.65
N HIS A 260 -14.14 3.55 20.13
CA HIS A 260 -14.25 4.90 19.60
C HIS A 260 -13.75 4.92 18.14
N VAL A 261 -14.55 5.49 17.25
CA VAL A 261 -14.28 5.48 15.82
C VAL A 261 -14.31 6.89 15.23
N GLN A 262 -13.22 7.28 14.58
CA GLN A 262 -13.15 8.55 13.87
C GLN A 262 -12.86 8.23 12.40
N HIS A 263 -13.70 8.74 11.52
CA HIS A 263 -13.48 8.66 10.09
C HIS A 263 -14.09 9.90 9.47
N GLU A 264 -13.48 10.40 8.41
CA GLU A 264 -13.94 11.63 7.79
C GLU A 264 -15.34 11.51 7.18
N GLY A 265 -15.76 10.28 6.90
CA GLY A 265 -17.12 10.00 6.48
C GLY A 265 -18.16 10.05 7.60
N LEU A 266 -17.72 10.25 8.84
CA LEU A 266 -18.62 10.33 10.01
C LEU A 266 -18.73 11.78 10.51
N PRO A 267 -19.93 12.36 10.52
CA PRO A 267 -20.10 13.72 11.07
C PRO A 267 -19.61 13.87 12.51
N LYS A 268 -19.98 12.94 13.38
CA LYS A 268 -19.43 12.88 14.72
C LYS A 268 -18.75 11.53 14.94
N PRO A 269 -17.72 11.50 15.77
CA PRO A 269 -17.11 10.21 16.15
C PRO A 269 -18.11 9.26 16.83
N LEU A 270 -17.89 7.96 16.66
CA LEU A 270 -18.80 6.96 17.20
C LEU A 270 -18.29 6.42 18.51
N THR A 271 -19.23 6.07 19.37
CA THR A 271 -18.96 5.29 20.58
C THR A 271 -19.82 4.05 20.52
N LEU A 272 -19.17 2.90 20.62
CA LEU A 272 -19.82 1.60 20.61
C LEU A 272 -19.44 0.83 21.86
N ARG A 273 -20.32 -0.06 22.29
CA ARG A 273 -20.02 -1.02 23.34
C ARG A 273 -20.65 -2.37 22.98
N TRP A 274 -20.13 -3.44 23.58
CA TRP A 274 -20.67 -4.79 23.42
C TRP A 274 -22.15 -4.83 23.80
N GLU A 275 -22.96 -5.32 22.87
CA GLU A 275 -24.40 -5.41 23.05
C GLU A 275 -24.85 -6.86 22.93
N PRO A 276 -24.94 -7.55 24.06
CA PRO A 276 -25.39 -8.95 24.09
C PRO A 276 -26.91 -9.08 23.90
N MET B 1 22.61 -7.36 4.27
CA MET B 1 21.39 -6.77 3.65
C MET B 1 20.21 -6.79 4.62
N ILE B 2 19.39 -5.74 4.57
CA ILE B 2 18.24 -5.63 5.46
C ILE B 2 17.04 -6.42 4.95
N GLN B 3 16.35 -7.08 5.87
CA GLN B 3 15.24 -7.94 5.52
C GLN B 3 14.09 -7.74 6.51
N ARG B 4 12.89 -7.63 5.97
CA ARG B 4 11.69 -7.47 6.78
C ARG B 4 10.69 -8.57 6.41
N THR B 5 10.25 -9.28 7.43
CA THR B 5 9.38 -10.43 7.23
C THR B 5 7.93 -9.96 7.09
N PRO B 6 7.16 -10.62 6.22
CA PRO B 6 5.80 -10.16 5.95
C PRO B 6 4.87 -10.35 7.12
N LYS B 7 3.96 -9.40 7.27
CA LYS B 7 2.73 -9.57 8.03
C LYS B 7 1.72 -10.22 7.10
N ILE B 8 0.83 -11.02 7.68
CA ILE B 8 -0.12 -11.79 6.91
C ILE B 8 -1.50 -11.69 7.56
N GLN B 9 -2.49 -11.26 6.77
CA GLN B 9 -3.88 -11.31 7.19
C GLN B 9 -4.69 -12.01 6.11
N VAL B 10 -5.52 -12.96 6.53
CA VAL B 10 -6.42 -13.64 5.61
C VAL B 10 -7.86 -13.45 6.13
N TYR B 11 -8.75 -13.09 5.21
CA TYR B 11 -10.07 -12.56 5.58
C TYR B 11 -10.97 -12.49 4.36
N SER B 12 -12.26 -12.28 4.59
CA SER B 12 -13.23 -12.16 3.52
C SER B 12 -13.58 -10.70 3.21
N ARG B 13 -13.95 -10.43 1.97
CA ARG B 13 -14.41 -9.12 1.57
C ARG B 13 -15.62 -8.64 2.36
N HIS B 14 -16.57 -9.57 2.55
CA HIS B 14 -17.85 -9.32 3.22
C HIS B 14 -17.99 -10.30 4.37
N PRO B 15 -18.77 -9.97 5.39
CA PRO B 15 -18.96 -10.88 6.52
C PRO B 15 -19.36 -12.26 6.01
N ALA B 16 -18.74 -13.33 6.49
CA ALA B 16 -19.02 -14.66 5.95
C ALA B 16 -20.45 -15.13 6.25
N GLU B 17 -21.08 -15.66 5.22
CA GLU B 17 -22.37 -16.33 5.34
C GLU B 17 -22.25 -17.63 4.54
N ASN B 18 -22.46 -18.77 5.19
CA ASN B 18 -22.39 -20.08 4.51
C ASN B 18 -23.37 -20.21 3.34
N GLY B 19 -22.85 -20.63 2.19
CA GLY B 19 -23.64 -20.79 0.97
C GLY B 19 -23.71 -19.53 0.13
N LYS B 20 -23.03 -18.48 0.58
CA LYS B 20 -23.07 -17.18 -0.08
C LYS B 20 -21.70 -16.85 -0.68
N SER B 21 -21.69 -16.53 -1.97
CA SER B 21 -20.46 -16.16 -2.68
C SER B 21 -19.83 -14.89 -2.12
N ASN B 22 -18.51 -14.83 -2.19
CA ASN B 22 -17.71 -13.90 -1.41
C ASN B 22 -16.31 -13.84 -2.02
N PHE B 23 -15.37 -13.17 -1.36
CA PHE B 23 -13.98 -13.16 -1.76
C PHE B 23 -13.07 -13.45 -0.59
N LEU B 24 -12.08 -14.29 -0.83
CA LEU B 24 -11.07 -14.61 0.15
C LEU B 24 -9.82 -13.82 -0.19
N ASN B 25 -9.37 -13.02 0.77
CA ASN B 25 -8.22 -12.14 0.61
C ASN B 25 -7.07 -12.63 1.45
N CYS B 26 -5.86 -12.58 0.89
CA CYS B 26 -4.65 -12.66 1.69
C CYS B 26 -3.83 -11.42 1.41
N TYR B 27 -3.59 -10.66 2.46
CA TYR B 27 -2.91 -9.38 2.36
C TYR B 27 -1.54 -9.52 3.02
N VAL B 28 -0.48 -9.44 2.23
CA VAL B 28 0.87 -9.49 2.78
C VAL B 28 1.48 -8.10 2.76
N SER B 29 2.12 -7.72 3.86
CA SER B 29 2.63 -6.38 3.97
C SER B 29 3.88 -6.27 4.87
N GLY B 30 4.53 -5.12 4.81
CA GLY B 30 5.66 -4.83 5.67
C GLY B 30 6.95 -5.56 5.32
N PHE B 31 7.05 -6.13 4.11
CA PHE B 31 8.20 -6.99 3.79
C PHE B 31 9.21 -6.36 2.83
N HIS B 32 10.43 -6.90 2.86
CA HIS B 32 11.56 -6.54 1.97
C HIS B 32 12.55 -7.70 2.08
N PRO B 33 13.15 -8.15 0.98
CA PRO B 33 12.86 -7.73 -0.40
C PRO B 33 11.45 -8.12 -0.88
N SER B 34 11.18 -7.83 -2.15
CA SER B 34 9.86 -7.88 -2.75
C SER B 34 9.48 -9.29 -3.23
N ASP B 35 10.49 -10.11 -3.51
CA ASP B 35 10.25 -11.47 -3.96
C ASP B 35 9.50 -12.20 -2.84
N ILE B 36 8.31 -12.69 -3.19
CA ILE B 36 7.45 -13.44 -2.28
C ILE B 36 6.56 -14.44 -3.05
N GLU B 37 6.16 -15.53 -2.39
CA GLU B 37 5.28 -16.55 -2.96
C GLU B 37 4.05 -16.70 -2.05
N VAL B 38 2.86 -16.60 -2.64
CA VAL B 38 1.61 -16.69 -1.89
C VAL B 38 0.62 -17.63 -2.58
N ASP B 39 0.13 -18.60 -1.82
CA ASP B 39 -0.95 -19.50 -2.25
C ASP B 39 -2.16 -19.34 -1.35
N LEU B 40 -3.34 -19.40 -1.94
CA LEU B 40 -4.55 -19.62 -1.17
C LEU B 40 -4.85 -21.11 -1.21
N LEU B 41 -5.28 -21.67 -0.06
CA LEU B 41 -5.56 -23.10 0.08
C LEU B 41 -7.00 -23.39 0.49
N LYS B 42 -7.56 -24.44 -0.11
CA LYS B 42 -8.87 -24.96 0.25
C LYS B 42 -8.65 -26.40 0.66
N ASN B 43 -8.82 -26.67 1.95
CA ASN B 43 -8.63 -28.02 2.48
C ASN B 43 -7.24 -28.55 2.15
N GLY B 44 -6.24 -27.67 2.28
CA GLY B 44 -4.84 -28.02 2.14
C GLY B 44 -4.31 -28.03 0.73
N GLU B 45 -5.19 -27.79 -0.25
CA GLU B 45 -4.81 -27.84 -1.65
C GLU B 45 -4.88 -26.47 -2.30
N ARG B 46 -3.97 -26.24 -3.25
CA ARG B 46 -3.81 -24.94 -3.87
C ARG B 46 -5.00 -24.61 -4.75
N ILE B 47 -5.50 -23.39 -4.60
CA ILE B 47 -6.54 -22.84 -5.46
C ILE B 47 -5.90 -22.27 -6.73
N GLU B 48 -6.48 -22.59 -7.88
CA GLU B 48 -5.99 -22.11 -9.17
C GLU B 48 -6.54 -20.71 -9.50
N LYS B 49 -5.83 -19.99 -10.34
CA LYS B 49 -6.33 -18.72 -10.93
C LYS B 49 -6.60 -17.64 -9.87
N VAL B 50 -5.89 -17.72 -8.75
CA VAL B 50 -5.85 -16.65 -7.77
C VAL B 50 -5.22 -15.42 -8.41
N GLU B 51 -5.84 -14.27 -8.23
CA GLU B 51 -5.31 -13.02 -8.75
C GLU B 51 -4.57 -12.22 -7.70
N HIS B 52 -3.78 -11.27 -8.14
CA HIS B 52 -3.14 -10.34 -7.22
C HIS B 52 -2.99 -8.93 -7.78
N SER B 53 -2.79 -8.00 -6.86
CA SER B 53 -2.55 -6.60 -7.14
C SER B 53 -1.11 -6.38 -7.61
N ASP B 54 -0.83 -5.21 -8.17
CA ASP B 54 0.50 -4.84 -8.58
C ASP B 54 1.34 -4.35 -7.40
N LEU B 55 2.60 -4.75 -7.41
CA LEU B 55 3.52 -4.46 -6.32
C LEU B 55 3.57 -2.97 -6.04
N SER B 56 3.34 -2.62 -4.77
CA SER B 56 3.44 -1.26 -4.31
C SER B 56 4.09 -1.25 -2.91
N PHE B 57 4.34 -0.07 -2.36
CA PHE B 57 5.01 0.02 -1.08
C PHE B 57 4.55 1.20 -0.22
N SER B 58 4.87 1.13 1.06
CA SER B 58 4.40 2.11 2.04
C SER B 58 5.44 3.21 2.19
N LYS B 59 5.18 4.16 3.07
CA LYS B 59 6.08 5.29 3.26
C LYS B 59 7.45 4.86 3.77
N ASP B 60 7.50 3.76 4.53
CA ASP B 60 8.77 3.21 5.02
C ASP B 60 9.44 2.26 4.03
N TRP B 61 8.91 2.21 2.82
CA TRP B 61 9.48 1.48 1.68
C TRP B 61 9.15 -0.02 1.64
N SER B 62 8.54 -0.55 2.71
CA SER B 62 8.18 -1.96 2.73
C SER B 62 7.00 -2.22 1.77
N PHE B 63 7.01 -3.40 1.16
CA PHE B 63 6.06 -3.77 0.10
C PHE B 63 4.74 -4.35 0.63
N TYR B 64 3.68 -4.24 -0.17
CA TYR B 64 2.38 -4.87 0.12
C TYR B 64 1.71 -5.41 -1.16
N LEU B 65 1.04 -6.54 -1.01
CA LEU B 65 0.31 -7.19 -2.08
C LEU B 65 -0.97 -7.82 -1.53
N LEU B 66 -2.01 -7.81 -2.35
CA LEU B 66 -3.24 -8.53 -2.06
C LEU B 66 -3.39 -9.67 -3.04
N TYR B 67 -3.51 -10.89 -2.53
CA TYR B 67 -3.94 -12.06 -3.30
C TYR B 67 -5.43 -12.31 -3.00
N TYR B 68 -6.20 -12.66 -4.02
CA TYR B 68 -7.64 -12.83 -3.85
C TYR B 68 -8.33 -13.76 -4.86
N THR B 69 -9.42 -14.38 -4.43
CA THR B 69 -10.21 -15.28 -5.26
C THR B 69 -11.65 -15.35 -4.76
N GLU B 70 -12.61 -15.58 -5.67
CA GLU B 70 -13.99 -15.84 -5.27
C GLU B 70 -14.08 -17.15 -4.50
N PHE B 71 -15.00 -17.21 -3.55
CA PHE B 71 -15.25 -18.41 -2.77
C PHE B 71 -16.60 -18.36 -2.06
N THR B 72 -17.13 -19.54 -1.79
CA THR B 72 -18.42 -19.68 -1.13
C THR B 72 -18.16 -20.43 0.17
N PRO B 73 -17.97 -19.73 1.28
CA PRO B 73 -17.67 -20.39 2.53
C PRO B 73 -18.78 -21.38 2.90
N THR B 74 -18.41 -22.42 3.62
CA THR B 74 -19.35 -23.36 4.22
C THR B 74 -18.87 -23.69 5.62
N GLU B 75 -19.61 -24.57 6.31
CA GLU B 75 -19.28 -24.97 7.68
C GLU B 75 -17.94 -25.68 7.80
N LYS B 76 -17.69 -26.60 6.86
CA LYS B 76 -16.59 -27.55 7.01
C LYS B 76 -15.34 -27.20 6.19
N ASP B 77 -15.52 -26.54 5.05
CA ASP B 77 -14.39 -26.14 4.21
C ASP B 77 -13.43 -25.20 4.97
N GLU B 78 -12.16 -25.61 5.07
CA GLU B 78 -11.13 -24.80 5.71
C GLU B 78 -10.29 -24.09 4.64
N TYR B 79 -10.02 -22.81 4.88
CA TYR B 79 -9.26 -21.98 3.96
C TYR B 79 -8.04 -21.45 4.66
N ALA B 80 -6.99 -21.18 3.88
CA ALA B 80 -5.73 -20.72 4.44
C ALA B 80 -4.93 -19.91 3.43
N CYS B 81 -3.91 -19.23 3.91
CA CYS B 81 -2.95 -18.53 3.04
C CYS B 81 -1.53 -18.99 3.37
N ARG B 82 -0.78 -19.40 2.36
CA ARG B 82 0.57 -19.92 2.57
C ARG B 82 1.60 -18.98 1.96
N VAL B 83 2.55 -18.51 2.76
CA VAL B 83 3.51 -17.48 2.33
C VAL B 83 4.96 -17.96 2.46
N ASN B 84 5.76 -17.69 1.45
CA ASN B 84 7.19 -17.98 1.50
C ASN B 84 8.00 -16.72 1.15
N HIS B 85 9.04 -16.49 1.94
CA HIS B 85 9.86 -15.29 1.86
C HIS B 85 11.25 -15.66 2.35
N VAL B 86 12.25 -14.89 1.94
CA VAL B 86 13.63 -15.18 2.28
C VAL B 86 13.90 -15.15 3.79
N THR B 87 13.07 -14.41 4.53
CA THR B 87 13.13 -14.35 6.01
C THR B 87 12.52 -15.53 6.76
N LEU B 88 11.83 -16.41 6.03
CA LEU B 88 11.15 -17.56 6.65
C LEU B 88 11.93 -18.83 6.34
N SER B 89 12.22 -19.63 7.36
CA SER B 89 12.97 -20.89 7.19
C SER B 89 12.06 -22.00 6.67
N GLN B 90 10.75 -21.75 6.74
CA GLN B 90 9.71 -22.67 6.27
C GLN B 90 8.57 -21.82 5.75
N PRO B 91 7.78 -22.31 4.82
CA PRO B 91 6.55 -21.61 4.46
C PRO B 91 5.66 -21.39 5.69
N LYS B 92 5.07 -20.20 5.78
CA LYS B 92 4.19 -19.83 6.87
C LYS B 92 2.73 -19.92 6.41
N ILE B 93 1.93 -20.68 7.15
CA ILE B 93 0.51 -20.89 6.83
C ILE B 93 -0.38 -20.23 7.89
N VAL B 94 -1.34 -19.41 7.42
CA VAL B 94 -2.29 -18.71 8.29
C VAL B 94 -3.70 -19.13 7.90
N LYS B 95 -4.42 -19.71 8.85
CA LYS B 95 -5.76 -20.21 8.61
C LYS B 95 -6.75 -19.08 8.59
N TRP B 96 -7.74 -19.18 7.71
CA TRP B 96 -8.86 -18.26 7.70
C TRP B 96 -9.81 -18.50 8.89
N ASP B 97 -10.01 -17.45 9.66
CA ASP B 97 -10.92 -17.43 10.79
C ASP B 97 -11.94 -16.36 10.48
N ARG B 98 -13.23 -16.71 10.41
CA ARG B 98 -14.26 -15.74 10.03
C ARG B 98 -14.51 -14.60 11.04
N ASP B 99 -14.03 -14.77 12.27
CA ASP B 99 -14.08 -13.74 13.31
C ASP B 99 -12.86 -12.83 13.38
N MET B 100 -11.98 -12.92 12.38
CA MET B 100 -10.80 -12.08 12.33
C MET B 100 -10.63 -11.46 10.94
N ARG C 1 -0.63 12.38 -14.10
CA ARG C 1 0.31 12.71 -15.19
C ARG C 1 1.75 12.73 -14.66
N ARG C 2 2.63 12.02 -15.35
CA ARG C 2 3.96 11.68 -14.86
C ARG C 2 5.03 12.75 -15.10
N LEU C 3 6.02 12.73 -14.22
CA LEU C 3 7.25 13.48 -14.37
C LEU C 3 8.00 12.98 -15.61
N PRO C 4 8.24 13.86 -16.58
CA PRO C 4 8.97 13.48 -17.80
C PRO C 4 10.50 13.59 -17.72
N ILE C 5 11.03 13.79 -16.52
CA ILE C 5 12.46 14.01 -16.32
C ILE C 5 13.11 12.79 -15.69
N PHE C 6 14.25 12.39 -16.23
CA PHE C 6 14.99 11.23 -15.75
C PHE C 6 16.39 11.69 -15.35
N SER C 7 16.65 11.75 -14.06
CA SER C 7 17.91 12.27 -13.53
C SER C 7 18.69 11.09 -13.03
N ARG C 8 19.87 10.82 -13.59
CA ARG C 8 20.59 9.58 -13.27
C ARG C 8 21.33 9.68 -11.94
N LEU C 9 21.23 8.64 -11.10
CA LEU C 9 21.96 8.59 -9.84
C LEU C 9 23.45 8.74 -10.10
C1 GOL D . 10.19 -4.02 -21.04
O1 GOL D . 9.68 -5.33 -21.17
C2 GOL D . 9.08 -2.98 -21.00
O2 GOL D . 8.41 -2.95 -22.25
C3 GOL D . 9.64 -1.58 -20.86
O3 GOL D . 10.27 -1.40 -19.61
C1 GOL E . -1.08 6.48 -0.55
O1 GOL E . -0.52 7.35 -1.50
C2 GOL E . -1.84 5.39 -1.26
O2 GOL E . -2.67 4.69 -0.36
C3 GOL E . -0.84 4.47 -1.95
O3 GOL E . -0.04 3.79 -1.01
#